data_2Y4I
#
_entry.id   2Y4I
#
_cell.length_a   130.565
_cell.length_b   130.565
_cell.length_c   221.005
_cell.angle_alpha   90.00
_cell.angle_beta   90.00
_cell.angle_gamma   120.00
#
_symmetry.space_group_name_H-M   'P 61 2 2'
#
loop_
_entity.id
_entity.type
_entity.pdbx_description
1 polymer 'KINASE SUPPRESSOR OF RAS 2'
2 polymer 'DUAL SPECIFICITY MITOGEN-ACTIVATED PROTEIN KINASE KINASE 1'
3 non-polymer "ADENOSINE-5'-TRIPHOSPHATE"
4 non-polymer 'MAGNESIUM ION'
5 non-polymer 'CHLORIDE ION'
#
loop_
_entity_poly.entity_id
_entity_poly.type
_entity_poly.pdbx_seq_one_letter_code
_entity_poly.pdbx_strand_id
1 'polypeptide(L)'
;GPEMNLSLLSARSFPRKASQTSIFLQEWDIPFEQLEIGELIGKGRFGQVYHGRWHGEVAIRLIDIERDNEDQLKAFKREV
MAYRQTRHENVVLFMGACMSPPHLAIITSLCKGRTLYSVVRDAKIVLDVNKTRQIAQEIVKGMGYLHAKGILHKDLKSKN
VFYDNGKVVITDFGLFSISGVLQAGRREDKLRIQNGWLCHLAPEIIRQLSPDTEEDKLPFSKHSDVFALGTIWYELHARE
WPFKTQPAEAIIWQMGTGMKPNLSQIGMGKEISDILLFCWAFEQEERPTFTKLMDMLEKLPKRNRRLSHPGHFWKSAEL
;
B
2 'polypeptide(L)'
;GPMPKKKPTPIQLNPAPDGSAVNGTSSAETNLEALQKKLLELELDEQQRKRLEAFLTQKQKVGELKDDDFEKISELGAGN
GGVVFKVSHKPSGLVMARKLIHLEIKPAIRNQIIRELQVLHECNSPYIVGFYGAFYSDGEISICMEHMDGGSLDQVLKKA
GRIPEQILGKVSIAVIKGLTYLREKHKIMHRDVKPSNILVNSRGEIKLCDFGVSGQLIDSMANSFVGTRSYMSPERLQGT
HYSVQSDIWSMGLSLVEMAVGRYPIPPPDAKELELMFGCQVEGDAAETPPRPRTPGRPLSSYGMDSRPPMAIFELLDYIV
NEPPPKLPSAVFSLEFQDFVNKCLIKNPAERADLKQLMVHAFIKRSDAEEVDFAGWLCSTIGLNQPSTPTHAAGV
;
C
#
loop_
_chem_comp.id
_chem_comp.type
_chem_comp.name
_chem_comp.formula
ATP non-polymer ADENOSINE-5'-TRIPHOSPHATE 'C10 H16 N5 O13 P3'
CL non-polymer 'CHLORIDE ION' 'Cl -1'
MG non-polymer 'MAGNESIUM ION' 'Mg 2'
#
# COMPACT_ATOMS: atom_id res chain seq x y z
N SER A 22 -24.17 9.23 -22.88
CA SER A 22 -25.33 9.90 -23.46
C SER A 22 -26.64 9.42 -22.83
N ILE A 23 -26.94 9.95 -21.65
CA ILE A 23 -28.18 9.62 -20.95
C ILE A 23 -28.66 10.78 -20.08
N PHE A 24 -29.97 11.02 -20.07
CA PHE A 24 -30.54 12.16 -19.35
C PHE A 24 -31.54 11.71 -18.28
N LEU A 25 -31.69 12.55 -17.26
CA LEU A 25 -32.48 12.20 -16.08
C LEU A 25 -33.95 11.95 -16.38
N GLN A 26 -34.39 12.42 -17.54
CA GLN A 26 -35.78 12.28 -17.93
C GLN A 26 -36.11 10.84 -18.29
N GLU A 27 -35.09 10.12 -18.77
CA GLU A 27 -35.25 8.72 -19.16
C GLU A 27 -35.48 7.83 -17.95
N TRP A 28 -35.57 8.44 -16.78
CA TRP A 28 -35.72 7.69 -15.53
C TRP A 28 -37.13 7.80 -14.96
N ASP A 29 -37.56 6.74 -14.29
CA ASP A 29 -38.86 6.68 -13.64
C ASP A 29 -39.06 7.92 -12.79
N ILE A 30 -38.29 8.00 -11.72
CA ILE A 30 -38.38 9.10 -10.78
C ILE A 30 -38.46 10.44 -11.50
N PRO A 31 -39.49 11.23 -11.19
CA PRO A 31 -39.67 12.55 -11.79
C PRO A 31 -38.56 13.49 -11.36
N PHE A 32 -37.89 14.10 -12.32
CA PHE A 32 -36.85 15.07 -12.04
C PHE A 32 -37.10 16.40 -12.74
N GLU A 33 -36.96 17.48 -11.99
CA GLU A 33 -37.04 18.83 -12.56
C GLU A 33 -35.89 19.67 -12.04
N GLN A 34 -35.73 19.69 -10.72
CA GLN A 34 -34.68 20.47 -10.07
C GLN A 34 -33.79 19.58 -9.21
N LEU A 35 -32.52 19.49 -9.58
CA LEU A 35 -31.56 18.75 -8.77
C LEU A 35 -30.43 19.67 -8.29
N GLU A 36 -30.32 19.81 -6.97
CA GLU A 36 -29.35 20.74 -6.39
C GLU A 36 -28.35 20.01 -5.51
N ILE A 37 -27.07 20.31 -5.72
CA ILE A 37 -26.01 19.66 -4.98
C ILE A 37 -25.83 20.31 -3.61
N GLY A 38 -25.31 19.54 -2.67
CA GLY A 38 -25.07 20.03 -1.32
C GLY A 38 -23.60 19.95 -0.96
N GLU A 39 -23.33 19.71 0.32
CA GLU A 39 -21.96 19.65 0.82
C GLU A 39 -21.36 18.27 0.63
N LEU A 40 -20.12 18.25 0.12
CA LEU A 40 -19.42 16.99 -0.15
C LEU A 40 -19.33 16.11 1.09
N ILE A 41 -19.48 14.80 0.88
CA ILE A 41 -19.39 13.83 1.96
C ILE A 41 -18.73 12.57 1.44
N GLY A 42 -18.18 12.65 0.23
CA GLY A 42 -17.67 11.48 -0.45
C GLY A 42 -16.17 11.47 -0.71
N LYS A 43 -15.46 10.69 0.11
CA LYS A 43 -14.06 10.38 -0.17
C LYS A 43 -14.00 9.40 -1.32
N GLY A 44 -14.07 8.11 -0.99
CA GLY A 44 -14.26 7.05 -1.97
C GLY A 44 -13.28 6.98 -3.12
N ARG A 45 -13.27 5.83 -3.80
CA ARG A 45 -12.43 5.66 -4.98
C ARG A 45 -13.12 6.28 -6.18
N PHE A 46 -14.27 5.69 -6.55
CA PHE A 46 -15.02 6.17 -7.70
C PHE A 46 -15.73 7.48 -7.39
N GLY A 47 -15.24 8.57 -7.96
CA GLY A 47 -15.88 9.87 -7.87
C GLY A 47 -16.11 10.37 -6.46
N GLN A 48 -16.68 11.56 -6.35
CA GLN A 48 -17.01 12.14 -5.05
C GLN A 48 -18.51 12.07 -4.82
N VAL A 49 -18.91 11.86 -3.57
CA VAL A 49 -20.32 11.75 -3.25
C VAL A 49 -20.80 12.97 -2.47
N TYR A 50 -21.78 13.66 -3.02
CA TYR A 50 -22.35 14.84 -2.35
C TYR A 50 -23.71 14.55 -1.75
N HIS A 51 -23.96 15.13 -0.58
CA HIS A 51 -25.28 15.10 0.01
C HIS A 51 -26.15 16.08 -0.77
N GLY A 52 -26.77 15.59 -1.83
CA GLY A 52 -27.55 16.45 -2.71
C GLY A 52 -29.05 16.40 -2.48
N ARG A 53 -29.80 16.98 -3.41
CA ARG A 53 -31.25 16.98 -3.35
C ARG A 53 -31.91 16.84 -4.73
N TRP A 54 -32.18 15.59 -5.13
CA TRP A 54 -33.03 15.31 -6.28
C TRP A 54 -34.44 15.61 -5.81
N HIS A 55 -34.72 16.88 -5.61
CA HIS A 55 -35.96 17.29 -4.98
C HIS A 55 -35.97 16.80 -3.53
N GLY A 56 -35.89 15.48 -3.36
CA GLY A 56 -35.83 14.87 -2.04
C GLY A 56 -34.42 14.89 -1.52
N GLU A 57 -34.11 13.97 -0.60
CA GLU A 57 -32.76 13.92 -0.04
C GLU A 57 -31.99 12.71 -0.54
N VAL A 58 -31.14 12.95 -1.53
CA VAL A 58 -30.44 11.87 -2.21
C VAL A 58 -28.93 12.04 -2.10
N ALA A 59 -28.19 11.07 -2.60
CA ALA A 59 -26.74 11.10 -2.57
C ALA A 59 -26.19 11.06 -3.99
N ILE A 60 -25.49 12.11 -4.38
CA ILE A 60 -25.04 12.26 -5.76
C ILE A 60 -23.55 11.96 -5.90
N ARG A 61 -23.22 11.05 -6.82
CA ARG A 61 -21.83 10.69 -7.07
C ARG A 61 -21.35 11.21 -8.43
N LEU A 62 -20.28 12.00 -8.42
CA LEU A 62 -19.76 12.60 -9.64
C LEU A 62 -18.49 11.91 -10.10
N ILE A 63 -18.61 11.03 -11.08
CA ILE A 63 -17.48 10.24 -11.54
C ILE A 63 -16.91 10.75 -12.86
N ASP A 64 -16.64 12.05 -12.92
CA ASP A 64 -16.15 12.69 -14.14
C ASP A 64 -15.51 11.71 -15.12
N ILE A 65 -16.09 11.62 -16.32
CA ILE A 65 -15.70 10.64 -17.33
C ILE A 65 -14.24 10.77 -17.74
N GLU A 66 -13.63 9.62 -18.05
CA GLU A 66 -12.27 9.59 -18.59
C GLU A 66 -12.29 9.89 -20.08
N ARG A 67 -11.21 10.48 -20.58
CA ARG A 67 -11.15 10.91 -21.98
C ARG A 67 -11.29 9.76 -22.98
N ASP A 68 -11.87 10.06 -24.13
CA ASP A 68 -12.07 9.08 -25.20
C ASP A 68 -12.89 7.87 -24.73
N ASN A 69 -12.53 6.69 -25.22
CA ASN A 69 -13.25 5.46 -24.89
C ASN A 69 -14.68 5.47 -25.40
N GLU A 70 -14.88 5.95 -26.62
CA GLU A 70 -16.21 6.07 -27.20
C GLU A 70 -16.78 4.73 -27.67
N ASP A 71 -16.31 3.65 -27.05
CA ASP A 71 -16.79 2.31 -27.39
C ASP A 71 -17.26 1.54 -26.16
N GLN A 72 -18.08 2.18 -25.33
CA GLN A 72 -18.61 1.54 -24.13
C GLN A 72 -20.13 1.57 -24.10
N LEU A 73 -20.74 0.90 -25.08
CA LEU A 73 -22.19 0.81 -25.16
C LEU A 73 -22.70 -0.23 -24.17
N LYS A 74 -22.32 -1.49 -24.37
CA LYS A 74 -22.71 -2.56 -23.45
C LYS A 74 -22.39 -2.19 -22.02
N ALA A 75 -21.50 -1.21 -21.85
CA ALA A 75 -21.06 -0.79 -20.53
C ALA A 75 -22.12 0.04 -19.81
N PHE A 76 -22.95 0.72 -20.58
CA PHE A 76 -23.96 1.61 -20.00
C PHE A 76 -25.21 1.70 -20.85
N LYS A 77 -25.02 1.80 -22.16
CA LYS A 77 -26.14 1.76 -23.09
C LYS A 77 -26.95 0.51 -22.84
N ARG A 78 -26.36 -0.43 -22.09
CA ARG A 78 -27.05 -1.67 -21.75
C ARG A 78 -27.02 -1.96 -20.25
N GLU A 79 -26.00 -1.46 -19.55
CA GLU A 79 -25.83 -1.77 -18.13
C GLU A 79 -26.61 -0.85 -17.19
N VAL A 80 -26.10 0.35 -16.98
CA VAL A 80 -26.68 1.28 -16.01
C VAL A 80 -28.19 1.41 -16.18
N MET A 81 -28.66 1.47 -17.41
CA MET A 81 -30.09 1.63 -17.68
C MET A 81 -30.88 0.44 -17.13
N ALA A 82 -30.20 -0.68 -16.95
CA ALA A 82 -30.84 -1.88 -16.44
C ALA A 82 -31.05 -1.78 -14.94
N TYR A 83 -30.38 -0.81 -14.32
CA TYR A 83 -30.54 -0.58 -12.89
C TYR A 83 -31.91 0.01 -12.59
N ARG A 84 -32.55 0.53 -13.65
CA ARG A 84 -33.97 0.81 -13.61
C ARG A 84 -34.65 -0.56 -13.58
N GLN A 85 -35.90 -0.60 -13.11
CA GLN A 85 -36.62 -1.87 -13.01
C GLN A 85 -36.04 -2.78 -11.93
N THR A 86 -35.15 -2.23 -11.10
CA THR A 86 -34.72 -2.88 -9.87
C THR A 86 -35.31 -2.11 -8.70
N ARG A 87 -35.83 -2.83 -7.72
CA ARG A 87 -36.47 -2.22 -6.58
C ARG A 87 -36.68 -3.28 -5.50
N HIS A 88 -35.87 -3.19 -4.45
CA HIS A 88 -35.90 -4.17 -3.37
C HIS A 88 -35.79 -3.44 -2.04
N GLU A 89 -36.24 -4.08 -0.98
CA GLU A 89 -36.19 -3.46 0.34
C GLU A 89 -34.79 -3.52 0.92
N ASN A 90 -33.92 -4.30 0.29
CA ASN A 90 -32.55 -4.48 0.77
C ASN A 90 -31.51 -3.88 -0.18
N VAL A 91 -31.96 -3.12 -1.16
CA VAL A 91 -31.09 -2.48 -2.13
C VAL A 91 -31.36 -0.99 -2.15
N VAL A 92 -30.31 -0.18 -2.24
CA VAL A 92 -30.50 1.27 -2.37
C VAL A 92 -31.27 1.58 -3.63
N LEU A 93 -32.16 2.56 -3.54
CA LEU A 93 -32.94 2.95 -4.71
C LEU A 93 -32.03 3.60 -5.72
N PHE A 94 -32.11 3.11 -6.97
CA PHE A 94 -31.35 3.73 -8.03
C PHE A 94 -32.16 4.85 -8.68
N MET A 95 -31.99 6.05 -8.17
CA MET A 95 -32.67 7.23 -8.67
C MET A 95 -32.44 7.42 -10.15
N GLY A 96 -31.24 7.08 -10.59
CA GLY A 96 -30.86 7.24 -11.98
C GLY A 96 -29.58 8.02 -12.15
N ALA A 97 -28.98 7.93 -13.32
CA ALA A 97 -27.74 8.64 -13.61
C ALA A 97 -27.91 9.51 -14.85
N CYS A 98 -26.80 10.13 -15.28
CA CYS A 98 -26.79 10.87 -16.54
C CYS A 98 -25.36 11.10 -17.03
N MET A 99 -25.05 10.54 -18.20
CA MET A 99 -23.73 10.69 -18.80
C MET A 99 -23.71 11.85 -19.77
N SER A 100 -23.00 12.91 -19.40
CA SER A 100 -22.80 14.02 -20.31
C SER A 100 -21.55 13.75 -21.15
N PRO A 101 -21.29 14.62 -22.14
CA PRO A 101 -20.02 14.43 -22.86
C PRO A 101 -18.82 14.41 -21.91
N PRO A 102 -18.67 15.44 -21.05
CA PRO A 102 -17.50 15.51 -20.17
C PRO A 102 -17.65 14.69 -18.89
N HIS A 103 -18.69 14.97 -18.11
CA HIS A 103 -18.85 14.40 -16.79
C HIS A 103 -19.84 13.23 -16.74
N LEU A 104 -20.01 12.68 -15.54
CA LEU A 104 -21.01 11.65 -15.28
C LEU A 104 -21.49 11.81 -13.83
N ALA A 105 -22.77 11.56 -13.62
CA ALA A 105 -23.35 11.70 -12.28
C ALA A 105 -24.39 10.61 -12.01
N ILE A 106 -24.24 9.93 -10.88
CA ILE A 106 -25.21 8.92 -10.46
C ILE A 106 -25.93 9.34 -9.20
N ILE A 107 -27.25 9.41 -9.27
CA ILE A 107 -28.05 9.75 -8.11
C ILE A 107 -28.46 8.47 -7.40
N THR A 108 -28.82 8.59 -6.13
CA THR A 108 -29.23 7.43 -5.35
C THR A 108 -29.82 7.83 -4.00
N SER A 109 -30.82 7.10 -3.54
CA SER A 109 -31.44 7.39 -2.26
C SER A 109 -30.39 7.59 -1.19
N LEU A 110 -30.45 8.72 -0.51
CA LEU A 110 -29.54 8.94 0.62
C LEU A 110 -29.97 8.06 1.77
N CYS A 111 -29.05 7.22 2.25
CA CYS A 111 -29.34 6.37 3.40
C CYS A 111 -29.19 7.18 4.67
N LYS A 112 -30.28 7.32 5.42
CA LYS A 112 -30.24 8.07 6.67
C LYS A 112 -29.97 7.13 7.83
N GLY A 113 -28.73 6.65 7.92
CA GLY A 113 -28.34 5.72 8.96
C GLY A 113 -26.84 5.65 9.07
N ARG A 114 -26.33 4.52 9.55
CA ARG A 114 -24.89 4.32 9.69
C ARG A 114 -24.42 3.16 8.84
N THR A 115 -23.22 3.28 8.29
CA THR A 115 -22.63 2.20 7.51
C THR A 115 -22.36 1.01 8.42
N LEU A 116 -22.51 -0.20 7.89
CA LEU A 116 -22.28 -1.41 8.68
C LEU A 116 -20.86 -1.42 9.21
N TYR A 117 -19.94 -0.92 8.40
CA TYR A 117 -18.55 -0.80 8.80
C TYR A 117 -18.46 -0.06 10.13
N SER A 118 -18.99 1.16 10.16
CA SER A 118 -18.86 2.02 11.33
C SER A 118 -19.55 1.48 12.57
N VAL A 119 -20.73 0.89 12.41
CA VAL A 119 -21.48 0.38 13.54
C VAL A 119 -20.88 -0.91 14.09
N VAL A 120 -20.33 -1.74 13.20
CA VAL A 120 -19.72 -3.00 13.61
C VAL A 120 -18.46 -2.71 14.42
N ARG A 121 -18.13 -1.43 14.53
CA ARG A 121 -16.94 -0.99 15.23
C ARG A 121 -17.29 0.15 16.18
N ASP A 122 -18.57 0.49 16.24
CA ASP A 122 -19.01 1.57 17.11
C ASP A 122 -18.72 1.22 18.54
N ALA A 123 -18.19 2.20 19.28
CA ALA A 123 -17.83 2.02 20.68
C ALA A 123 -18.84 1.14 21.39
N LYS A 124 -18.57 -0.15 21.39
CA LYS A 124 -19.42 -1.13 22.07
C LYS A 124 -20.90 -1.00 21.73
N ILE A 125 -21.36 -1.89 20.85
CA ILE A 125 -22.79 -2.12 20.66
C ILE A 125 -23.03 -3.61 20.86
N VAL A 126 -24.10 -3.94 21.57
CA VAL A 126 -24.34 -5.33 21.94
C VAL A 126 -24.23 -6.30 20.78
N LEU A 127 -25.17 -6.20 19.84
CA LEU A 127 -25.31 -7.16 18.74
C LEU A 127 -24.95 -8.61 19.11
N ASP A 128 -26.00 -9.40 19.34
CA ASP A 128 -25.85 -10.79 19.74
C ASP A 128 -25.24 -11.62 18.62
N VAL A 129 -25.70 -12.86 18.50
CA VAL A 129 -25.37 -13.72 17.38
C VAL A 129 -26.60 -13.80 16.50
N ASN A 130 -27.76 -13.60 17.12
CA ASN A 130 -29.01 -13.52 16.39
C ASN A 130 -29.16 -12.17 15.72
N LYS A 131 -28.79 -11.11 16.44
CA LYS A 131 -28.75 -9.78 15.85
C LYS A 131 -27.74 -9.78 14.72
N THR A 132 -26.81 -10.73 14.79
CA THR A 132 -25.83 -10.91 13.73
C THR A 132 -26.46 -11.64 12.54
N ARG A 133 -27.14 -12.75 12.84
CA ARG A 133 -27.84 -13.51 11.82
C ARG A 133 -28.79 -12.61 11.02
N GLN A 134 -29.52 -11.75 11.72
CA GLN A 134 -30.44 -10.84 11.08
C GLN A 134 -29.76 -9.92 10.06
N ILE A 135 -28.64 -9.33 10.46
CA ILE A 135 -27.85 -8.48 9.57
C ILE A 135 -27.53 -9.24 8.29
N ALA A 136 -27.09 -10.48 8.45
CA ALA A 136 -26.69 -11.32 7.33
C ALA A 136 -27.90 -11.73 6.50
N GLN A 137 -29.02 -11.95 7.18
CA GLN A 137 -30.27 -12.29 6.48
C GLN A 137 -30.55 -11.27 5.39
N GLU A 138 -30.53 -9.99 5.77
CA GLU A 138 -30.83 -8.92 4.83
C GLU A 138 -29.85 -8.86 3.68
N ILE A 139 -28.56 -8.73 4.00
CA ILE A 139 -27.53 -8.60 2.98
C ILE A 139 -27.67 -9.63 1.88
N VAL A 140 -28.05 -10.85 2.25
CA VAL A 140 -28.18 -11.92 1.28
C VAL A 140 -29.51 -11.85 0.53
N LYS A 141 -30.55 -11.35 1.19
CA LYS A 141 -31.83 -11.12 0.53
C LYS A 141 -31.63 -10.15 -0.63
N GLY A 142 -30.93 -9.05 -0.35
CA GLY A 142 -30.65 -8.06 -1.38
C GLY A 142 -29.80 -8.64 -2.51
N MET A 143 -28.66 -9.22 -2.14
CA MET A 143 -27.74 -9.79 -3.12
C MET A 143 -28.44 -10.84 -3.97
N GLY A 144 -29.39 -11.55 -3.37
CA GLY A 144 -30.17 -12.54 -4.08
C GLY A 144 -30.98 -11.85 -5.17
N TYR A 145 -31.66 -10.77 -4.80
CA TYR A 145 -32.43 -9.99 -5.74
C TYR A 145 -31.56 -9.60 -6.92
N LEU A 146 -30.45 -8.91 -6.66
CA LEU A 146 -29.55 -8.51 -7.74
C LEU A 146 -29.07 -9.71 -8.54
N HIS A 147 -28.98 -10.87 -7.90
CA HIS A 147 -28.61 -12.08 -8.61
C HIS A 147 -29.64 -12.39 -9.69
N ALA A 148 -30.89 -12.54 -9.27
CA ALA A 148 -31.97 -12.86 -10.19
C ALA A 148 -32.01 -11.89 -11.36
N LYS A 149 -31.85 -10.60 -11.07
CA LYS A 149 -31.81 -9.58 -12.11
C LYS A 149 -30.53 -9.72 -12.93
N GLY A 150 -29.67 -10.65 -12.53
CA GLY A 150 -28.44 -10.94 -13.24
C GLY A 150 -27.46 -9.79 -13.23
N ILE A 151 -27.32 -9.15 -12.08
CA ILE A 151 -26.45 -7.99 -11.97
C ILE A 151 -25.45 -8.16 -10.82
N LEU A 152 -24.17 -8.21 -11.16
CA LEU A 152 -23.11 -8.47 -10.20
C LEU A 152 -22.76 -7.25 -9.36
N HIS A 153 -22.58 -7.47 -8.06
CA HIS A 153 -22.22 -6.38 -7.17
C HIS A 153 -20.73 -6.06 -7.26
N LYS A 154 -19.94 -7.11 -7.39
CA LYS A 154 -18.48 -6.98 -7.47
C LYS A 154 -17.88 -6.47 -6.16
N ASP A 155 -18.17 -5.23 -5.80
CA ASP A 155 -17.60 -4.61 -4.60
C ASP A 155 -18.57 -4.58 -3.43
N LEU A 156 -18.80 -5.73 -2.81
CA LEU A 156 -19.66 -5.81 -1.64
C LEU A 156 -18.84 -5.63 -0.37
N LYS A 157 -18.49 -4.39 -0.05
CA LYS A 157 -17.75 -4.11 1.16
C LYS A 157 -18.70 -4.06 2.34
N SER A 158 -18.15 -3.91 3.53
CA SER A 158 -18.95 -3.69 4.72
C SER A 158 -19.38 -2.23 4.72
N LYS A 159 -18.45 -1.38 4.29
CA LYS A 159 -18.68 0.06 4.23
C LYS A 159 -19.73 0.40 3.18
N ASN A 160 -20.25 -0.62 2.52
CA ASN A 160 -21.32 -0.42 1.53
C ASN A 160 -22.64 -1.04 1.96
N VAL A 161 -22.89 -0.99 3.26
CA VAL A 161 -24.17 -1.41 3.81
C VAL A 161 -24.63 -0.38 4.82
N PHE A 162 -25.89 0.04 4.73
CA PHE A 162 -26.40 1.07 5.63
C PHE A 162 -27.54 0.57 6.51
N TYR A 163 -27.80 1.32 7.58
CA TYR A 163 -28.68 0.87 8.64
C TYR A 163 -29.77 1.90 8.95
N ASP A 164 -30.87 1.85 8.21
CA ASP A 164 -31.96 2.80 8.39
C ASP A 164 -33.00 2.30 9.39
N LYS A 167 -33.47 -0.22 7.99
CA LYS A 167 -33.19 -1.62 8.28
C LYS A 167 -31.76 -1.97 7.84
N VAL A 168 -31.63 -2.74 6.76
CA VAL A 168 -30.33 -3.06 6.19
C VAL A 168 -30.36 -2.93 4.68
N VAL A 169 -29.46 -2.09 4.14
CA VAL A 169 -29.51 -1.76 2.73
C VAL A 169 -28.17 -1.91 2.03
N ILE A 170 -28.16 -2.65 0.92
CA ILE A 170 -26.97 -2.79 0.08
C ILE A 170 -26.83 -1.56 -0.82
N THR A 171 -25.64 -1.33 -1.35
CA THR A 171 -25.41 -0.15 -2.18
C THR A 171 -24.14 -0.22 -3.02
N ASP A 172 -24.02 0.70 -3.98
CA ASP A 172 -22.81 0.84 -4.80
C ASP A 172 -22.43 -0.43 -5.57
N PHE A 173 -23.43 -1.20 -5.97
CA PHE A 173 -23.21 -2.39 -6.76
C PHE A 173 -22.88 -2.02 -8.20
N GLY A 174 -22.17 -2.92 -8.89
CA GLY A 174 -21.87 -2.75 -10.30
C GLY A 174 -21.21 -1.43 -10.63
N LEU A 175 -20.14 -1.10 -9.91
CA LEU A 175 -19.39 0.11 -10.20
C LEU A 175 -17.98 -0.22 -10.64
N PHE A 176 -17.85 -0.60 -11.90
CA PHE A 176 -16.55 -0.81 -12.52
C PHE A 176 -16.63 -0.52 -14.01
N SER A 177 -16.16 0.66 -14.39
CA SER A 177 -16.23 1.13 -15.76
C SER A 177 -14.83 1.38 -16.32
N GLU A 188 -3.27 5.58 -10.53
CA GLU A 188 -3.59 4.61 -11.57
C GLU A 188 -2.40 4.40 -12.52
N ASP A 189 -1.37 3.72 -12.03
CA ASP A 189 -0.19 3.43 -12.83
C ASP A 189 0.44 2.07 -12.51
N LYS A 190 0.67 1.80 -11.23
CA LYS A 190 1.25 0.53 -10.78
C LYS A 190 0.51 -0.06 -9.58
N LEU A 191 -0.78 -0.31 -9.77
CA LEU A 191 -1.64 -0.93 -8.77
C LEU A 191 -1.63 -0.30 -7.38
N ARG A 192 -2.75 0.35 -7.05
CA ARG A 192 -2.93 0.99 -5.76
C ARG A 192 -3.99 0.26 -4.95
N ILE A 193 -3.56 -0.62 -4.06
CA ILE A 193 -4.49 -1.37 -3.23
C ILE A 193 -4.91 -0.58 -1.99
N GLN A 194 -6.22 -0.41 -1.81
CA GLN A 194 -6.74 0.36 -0.69
C GLN A 194 -6.88 -0.49 0.58
N ASN A 195 -7.79 -0.09 1.45
CA ASN A 195 -7.98 -0.73 2.76
C ASN A 195 -8.27 -2.23 2.71
N GLY A 196 -9.22 -2.65 3.54
CA GLY A 196 -9.60 -4.04 3.64
C GLY A 196 -10.27 -4.58 2.40
N TRP A 197 -10.29 -3.80 1.33
CA TRP A 197 -10.83 -4.26 0.07
C TRP A 197 -10.16 -5.55 -0.37
N LEU A 198 -8.85 -5.64 -0.11
CA LEU A 198 -8.08 -6.80 -0.52
C LEU A 198 -8.58 -8.10 0.10
N CYS A 199 -9.18 -8.01 1.28
CA CYS A 199 -9.61 -9.20 2.01
C CYS A 199 -11.05 -9.58 1.69
N HIS A 200 -11.61 -8.99 0.64
CA HIS A 200 -12.94 -9.34 0.18
C HIS A 200 -12.87 -10.06 -1.17
N LEU A 201 -11.72 -9.95 -1.82
CA LEU A 201 -11.53 -10.55 -3.13
C LEU A 201 -11.24 -12.04 -3.01
N ALA A 202 -12.05 -12.86 -3.65
CA ALA A 202 -11.85 -14.30 -3.64
C ALA A 202 -10.55 -14.65 -4.36
N PRO A 203 -9.98 -15.82 -4.06
CA PRO A 203 -8.74 -16.30 -4.68
C PRO A 203 -8.67 -16.02 -6.17
N GLU A 204 -9.70 -16.43 -6.91
CA GLU A 204 -9.71 -16.26 -8.36
C GLU A 204 -9.20 -14.88 -8.73
N ILE A 205 -9.64 -13.89 -7.97
CA ILE A 205 -9.36 -12.49 -8.25
C ILE A 205 -8.00 -12.03 -7.72
N ILE A 206 -7.68 -12.45 -6.49
CA ILE A 206 -6.49 -11.95 -5.79
C ILE A 206 -5.19 -12.12 -6.59
N ARG A 207 -5.25 -12.91 -7.64
CA ARG A 207 -4.14 -12.97 -8.58
C ARG A 207 -4.36 -11.93 -9.67
N GLN A 208 -3.84 -10.72 -9.41
CA GLN A 208 -4.13 -9.54 -10.20
C GLN A 208 -2.88 -8.93 -10.82
N LEU A 209 -3.05 -8.36 -12.00
CA LEU A 209 -1.95 -7.69 -12.69
C LEU A 209 -1.61 -6.36 -12.01
N SER A 210 -0.42 -5.84 -12.28
CA SER A 210 -0.03 -4.55 -11.75
C SER A 210 -0.75 -3.41 -12.48
N PRO A 211 -0.75 -3.42 -13.81
CA PRO A 211 -1.53 -2.41 -14.53
C PRO A 211 -3.01 -2.70 -14.39
N ASP A 212 -3.56 -3.43 -15.35
CA ASP A 212 -4.95 -3.88 -15.31
C ASP A 212 -5.85 -2.93 -14.53
N GLU A 215 -9.25 -0.07 -13.04
CA GLU A 215 -9.12 -1.43 -12.52
C GLU A 215 -10.42 -2.20 -12.68
N ASP A 216 -10.48 -3.07 -13.68
CA ASP A 216 -11.66 -3.91 -13.90
C ASP A 216 -11.35 -5.06 -14.87
N LYS A 217 -12.36 -5.89 -15.14
CA LYS A 217 -12.22 -7.04 -16.02
C LYS A 217 -11.40 -8.17 -15.38
N LEU A 218 -11.64 -8.39 -14.09
CA LEU A 218 -11.05 -9.49 -13.35
C LEU A 218 -12.01 -10.67 -13.35
N PRO A 219 -11.62 -11.81 -12.77
CA PRO A 219 -12.52 -12.95 -12.67
C PRO A 219 -13.70 -12.71 -11.73
N PHE A 220 -14.36 -11.56 -11.84
CA PHE A 220 -15.56 -11.30 -11.06
C PHE A 220 -16.68 -12.24 -11.46
N SER A 221 -16.97 -13.20 -10.58
CA SER A 221 -18.06 -14.13 -10.82
C SER A 221 -19.21 -13.80 -9.88
N LYS A 222 -20.30 -14.54 -9.99
CA LYS A 222 -21.39 -14.41 -9.02
C LYS A 222 -20.91 -15.04 -7.73
N HIS A 223 -19.85 -15.83 -7.83
CA HIS A 223 -19.19 -16.40 -6.67
C HIS A 223 -18.24 -15.39 -6.05
N SER A 224 -17.64 -14.57 -6.89
CA SER A 224 -16.87 -13.44 -6.42
C SER A 224 -17.63 -12.77 -5.28
N ASP A 225 -18.93 -12.55 -5.48
CA ASP A 225 -19.78 -11.88 -4.51
C ASP A 225 -20.06 -12.68 -3.25
N VAL A 226 -20.40 -13.96 -3.40
CA VAL A 226 -20.69 -14.78 -2.23
C VAL A 226 -19.45 -14.86 -1.35
N PHE A 227 -18.27 -14.90 -1.97
CA PHE A 227 -17.03 -14.91 -1.22
C PHE A 227 -16.93 -13.64 -0.38
N ALA A 228 -17.02 -12.50 -1.05
CA ALA A 228 -16.93 -11.21 -0.39
C ALA A 228 -17.87 -11.12 0.80
N LEU A 229 -19.04 -11.75 0.69
CA LEU A 229 -19.99 -11.77 1.79
C LEU A 229 -19.37 -12.46 3.01
N GLY A 230 -18.79 -13.63 2.79
CA GLY A 230 -18.14 -14.35 3.86
C GLY A 230 -17.33 -13.44 4.75
N THR A 231 -16.45 -12.64 4.13
CA THR A 231 -15.54 -11.79 4.90
C THR A 231 -16.33 -10.81 5.75
N ILE A 232 -17.46 -10.34 5.24
CA ILE A 232 -18.33 -9.43 5.98
C ILE A 232 -18.91 -10.14 7.18
N TRP A 233 -19.13 -11.44 7.03
CA TRP A 233 -19.69 -12.24 8.11
C TRP A 233 -18.68 -12.39 9.23
N TYR A 234 -17.47 -12.82 8.88
CA TYR A 234 -16.36 -12.83 9.82
C TYR A 234 -16.37 -11.49 10.55
N GLU A 235 -16.41 -10.42 9.77
CA GLU A 235 -16.41 -9.08 10.33
C GLU A 235 -17.47 -8.92 11.41
N LEU A 236 -18.69 -9.37 11.10
CA LEU A 236 -19.80 -9.28 12.04
C LEU A 236 -19.47 -9.91 13.39
N HIS A 237 -18.85 -11.08 13.35
CA HIS A 237 -18.59 -11.83 14.57
C HIS A 237 -17.30 -11.41 15.25
N ALA A 238 -16.27 -11.08 14.46
CA ALA A 238 -14.97 -10.72 15.00
C ALA A 238 -14.86 -9.22 15.27
N ARG A 239 -15.86 -8.46 14.83
CA ARG A 239 -15.87 -7.01 14.99
C ARG A 239 -14.63 -6.33 14.39
N GLU A 240 -13.93 -7.07 13.54
CA GLU A 240 -12.80 -6.56 12.78
C GLU A 240 -12.73 -7.48 11.56
N TRP A 241 -12.15 -7.01 10.46
CA TRP A 241 -12.06 -7.85 9.27
C TRP A 241 -10.72 -8.60 9.19
N PRO A 242 -10.72 -9.75 8.52
CA PRO A 242 -9.57 -10.66 8.43
C PRO A 242 -8.25 -9.99 8.10
N PHE A 243 -7.14 -10.63 8.47
CA PHE A 243 -5.81 -10.11 8.21
C PHE A 243 -5.68 -8.67 8.68
N LYS A 244 -6.14 -8.42 9.90
CA LYS A 244 -6.26 -7.07 10.45
C LYS A 244 -4.92 -6.34 10.50
N THR A 245 -3.84 -7.06 10.27
CA THR A 245 -2.52 -6.51 10.54
C THR A 245 -1.50 -6.76 9.42
N GLN A 246 -1.77 -7.74 8.57
CA GLN A 246 -0.83 -8.03 7.49
C GLN A 246 -0.80 -6.94 6.42
N PRO A 247 0.37 -6.77 5.78
CA PRO A 247 0.59 -5.87 4.66
C PRO A 247 -0.21 -6.31 3.45
N ALA A 248 -0.16 -5.53 2.37
CA ALA A 248 -0.87 -5.89 1.16
C ALA A 248 -0.32 -7.18 0.57
N GLU A 249 0.98 -7.21 0.29
CA GLU A 249 1.61 -8.37 -0.34
C GLU A 249 1.32 -9.64 0.45
N ALA A 250 1.21 -9.51 1.77
CA ALA A 250 0.92 -10.63 2.63
C ALA A 250 -0.47 -11.19 2.36
N ILE A 251 -1.48 -10.33 2.48
CA ILE A 251 -2.84 -10.74 2.15
C ILE A 251 -2.84 -11.44 0.80
N ILE A 252 -2.36 -10.72 -0.22
CA ILE A 252 -2.33 -11.24 -1.59
C ILE A 252 -1.81 -12.66 -1.66
N TRP A 253 -0.65 -12.92 -1.06
CA TRP A 253 -0.07 -14.25 -1.11
C TRP A 253 -0.81 -15.22 -0.21
N GLN A 254 -1.15 -14.79 0.99
CA GLN A 254 -1.89 -15.64 1.91
C GLN A 254 -3.25 -16.03 1.34
N MET A 255 -4.12 -15.05 1.13
CA MET A 255 -5.43 -15.32 0.54
C MET A 255 -5.28 -15.97 -0.82
N GLY A 256 -4.14 -15.73 -1.47
CA GLY A 256 -3.84 -16.34 -2.75
C GLY A 256 -3.64 -17.84 -2.63
N THR A 257 -2.86 -18.26 -1.64
CA THR A 257 -2.66 -19.68 -1.39
C THR A 257 -3.87 -20.26 -0.68
N GLY A 258 -4.92 -19.46 -0.57
CA GLY A 258 -6.11 -19.88 0.15
C GLY A 258 -5.78 -20.19 1.60
N MET A 259 -5.43 -19.15 2.34
CA MET A 259 -5.09 -19.30 3.75
C MET A 259 -6.10 -18.58 4.61
N LYS A 260 -7.32 -19.13 4.68
CA LYS A 260 -8.39 -18.51 5.44
C LYS A 260 -8.05 -18.45 6.92
N PRO A 261 -8.19 -17.27 7.52
CA PRO A 261 -7.86 -16.98 8.92
C PRO A 261 -8.67 -17.82 9.92
N ASN A 262 -8.26 -17.79 11.18
CA ASN A 262 -8.91 -18.58 12.22
C ASN A 262 -10.42 -18.42 12.24
N LEU A 263 -11.09 -19.30 12.97
CA LEU A 263 -12.54 -19.23 13.11
C LEU A 263 -12.91 -19.36 14.57
N SER A 264 -12.31 -20.34 15.24
CA SER A 264 -12.59 -20.60 16.64
C SER A 264 -11.62 -19.85 17.55
N GLN A 265 -12.13 -18.79 18.18
CA GLN A 265 -11.34 -18.03 19.13
C GLN A 265 -12.25 -17.48 20.23
N ILE A 266 -12.13 -18.05 21.42
CA ILE A 266 -12.97 -17.71 22.56
C ILE A 266 -13.32 -16.22 22.62
N GLY A 267 -14.59 -15.90 22.37
CA GLY A 267 -15.59 -16.90 22.07
C GLY A 267 -15.75 -17.13 20.58
N MET A 268 -16.10 -18.37 20.21
CA MET A 268 -16.23 -18.74 18.81
C MET A 268 -17.65 -19.22 18.48
N GLY A 269 -17.82 -20.53 18.43
CA GLY A 269 -19.12 -21.12 18.17
C GLY A 269 -19.19 -21.90 16.87
N LYS A 270 -19.57 -23.18 16.97
CA LYS A 270 -19.81 -23.99 15.79
C LYS A 270 -20.97 -23.41 15.01
N GLU A 271 -21.38 -24.07 13.94
CA GLU A 271 -22.43 -23.55 13.07
C GLU A 271 -21.91 -22.36 12.29
N ILE A 272 -21.70 -21.25 12.98
CA ILE A 272 -21.09 -20.06 12.39
C ILE A 272 -19.78 -20.42 11.71
N SER A 273 -18.87 -21.01 12.48
CA SER A 273 -17.58 -21.43 11.94
C SER A 273 -17.72 -22.13 10.60
N ASP A 274 -18.71 -23.02 10.51
CA ASP A 274 -18.91 -23.82 9.30
C ASP A 274 -19.19 -22.94 8.08
N ILE A 275 -20.30 -22.20 8.12
CA ILE A 275 -20.72 -21.36 7.01
C ILE A 275 -19.62 -20.45 6.50
N LEU A 276 -18.76 -20.01 7.42
CA LEU A 276 -17.68 -19.09 7.09
C LEU A 276 -16.76 -19.68 6.03
N LEU A 277 -16.46 -20.97 6.14
CA LEU A 277 -15.57 -21.63 5.21
C LEU A 277 -16.23 -21.80 3.84
N PHE A 278 -17.49 -22.22 3.86
CA PHE A 278 -18.24 -22.41 2.62
C PHE A 278 -18.15 -21.20 1.71
N CYS A 279 -18.36 -20.02 2.28
CA CYS A 279 -18.30 -18.79 1.51
C CYS A 279 -16.91 -18.55 0.95
N TRP A 280 -15.90 -19.05 1.64
CA TRP A 280 -14.51 -18.80 1.25
C TRP A 280 -13.86 -19.94 0.48
N ALA A 281 -14.61 -21.01 0.23
CA ALA A 281 -14.10 -22.16 -0.50
C ALA A 281 -13.16 -21.70 -1.61
N PHE A 282 -12.00 -22.33 -1.70
CA PHE A 282 -10.99 -21.91 -2.67
C PHE A 282 -11.49 -22.06 -4.11
N GLU A 283 -12.14 -23.19 -4.39
CA GLU A 283 -12.74 -23.39 -5.70
C GLU A 283 -14.07 -22.66 -5.77
N GLN A 284 -14.18 -21.69 -6.67
CA GLN A 284 -15.36 -20.85 -6.74
C GLN A 284 -16.63 -21.66 -6.97
N GLU A 285 -16.47 -22.89 -7.42
CA GLU A 285 -17.61 -23.77 -7.63
C GLU A 285 -18.17 -24.29 -6.31
N GLU A 286 -17.28 -24.58 -5.36
CA GLU A 286 -17.67 -25.19 -4.09
C GLU A 286 -18.44 -24.23 -3.18
N ARG A 287 -18.51 -22.97 -3.58
CA ARG A 287 -19.21 -21.95 -2.78
C ARG A 287 -20.73 -22.00 -2.94
N PRO A 288 -21.46 -21.66 -1.87
CA PRO A 288 -22.93 -21.67 -1.87
C PRO A 288 -23.49 -20.53 -2.72
N THR A 289 -24.69 -20.75 -3.25
CA THR A 289 -25.40 -19.69 -3.95
C THR A 289 -26.21 -18.92 -2.91
N PHE A 290 -26.43 -17.64 -3.17
CA PHE A 290 -27.07 -16.79 -2.18
C PHE A 290 -28.36 -17.37 -1.65
N THR A 291 -29.04 -18.15 -2.48
CA THR A 291 -30.31 -18.75 -2.10
C THR A 291 -30.14 -19.97 -1.20
N LYS A 292 -29.01 -20.66 -1.34
CA LYS A 292 -28.71 -21.79 -0.47
C LYS A 292 -28.08 -21.31 0.83
N LEU A 293 -27.42 -20.16 0.74
CA LEU A 293 -26.79 -19.54 1.89
C LEU A 293 -27.83 -18.92 2.81
N MET A 294 -28.92 -18.45 2.21
CA MET A 294 -30.01 -17.85 2.98
C MET A 294 -30.71 -18.95 3.78
N ASP A 295 -30.73 -20.15 3.22
CA ASP A 295 -31.34 -21.29 3.89
C ASP A 295 -30.54 -21.64 5.13
N MET A 296 -29.25 -21.90 4.94
CA MET A 296 -28.36 -22.19 6.06
C MET A 296 -28.47 -21.10 7.11
N LEU A 297 -28.56 -19.86 6.65
CA LEU A 297 -28.58 -18.70 7.53
C LEU A 297 -29.76 -18.76 8.50
N GLU A 298 -30.79 -19.51 8.12
CA GLU A 298 -32.04 -19.53 8.87
C GLU A 298 -32.13 -20.74 9.79
N LYS A 299 -31.09 -21.58 9.80
CA LYS A 299 -31.09 -22.81 10.57
C LYS A 299 -30.58 -22.62 12.01
N LEU A 300 -29.67 -21.67 12.19
CA LEU A 300 -29.09 -21.42 13.51
C LEU A 300 -28.36 -22.65 14.04
N LEU B 39 23.37 12.11 24.46
CA LEU B 39 24.05 13.39 24.32
C LEU B 39 25.06 13.37 23.18
N LEU B 40 25.43 12.16 22.74
CA LEU B 40 26.38 11.98 21.65
C LEU B 40 26.21 10.63 20.98
N GLU B 41 27.33 9.95 20.74
CA GLU B 41 27.34 8.62 20.15
C GLU B 41 28.74 8.02 20.24
N LEU B 42 28.84 6.72 19.97
CA LEU B 42 30.12 6.02 20.00
C LEU B 42 30.65 5.78 18.59
N GLU B 43 31.98 5.79 18.46
CA GLU B 43 32.64 5.54 17.19
C GLU B 43 32.16 6.48 16.08
N LEU B 44 32.93 7.53 15.83
CA LEU B 44 32.60 8.48 14.77
C LEU B 44 33.84 8.95 14.02
N ASP B 45 33.76 8.94 12.70
CA ASP B 45 34.86 9.37 11.85
C ASP B 45 35.20 10.83 12.09
N GLU B 46 36.49 11.15 12.05
CA GLU B 46 36.96 12.51 12.26
C GLU B 46 36.30 13.50 11.30
N GLN B 47 36.20 13.10 10.02
CA GLN B 47 35.62 13.97 8.99
C GLN B 47 34.10 14.02 9.09
N GLN B 48 33.49 12.88 9.41
CA GLN B 48 32.04 12.81 9.58
C GLN B 48 31.61 13.62 10.79
N ARG B 49 32.45 13.61 11.82
CA ARG B 49 32.21 14.42 13.01
C ARG B 49 32.16 15.90 12.65
N LYS B 50 32.83 16.27 11.56
CA LYS B 50 32.77 17.62 11.04
C LYS B 50 31.43 17.86 10.35
N ARG B 51 31.11 16.99 9.40
CA ARG B 51 29.89 17.13 8.61
C ARG B 51 28.65 17.18 9.49
N LEU B 52 28.52 16.18 10.36
CA LEU B 52 27.35 16.08 11.24
C LEU B 52 27.22 17.28 12.17
N GLU B 53 28.35 17.86 12.56
CA GLU B 53 28.34 18.99 13.49
C GLU B 53 27.74 20.23 12.82
N ALA B 54 28.00 20.39 11.52
CA ALA B 54 27.45 21.49 10.76
C ALA B 54 25.93 21.35 10.64
N PHE B 55 25.47 20.13 10.46
CA PHE B 55 24.04 19.85 10.33
C PHE B 55 23.25 20.41 11.51
N LEU B 56 23.86 20.33 12.71
CA LEU B 56 23.21 20.80 13.92
C LEU B 56 23.16 22.33 13.98
N THR B 57 24.32 22.95 13.78
CA THR B 57 24.43 24.40 13.83
C THR B 57 23.49 25.07 12.83
N GLN B 58 23.28 24.40 11.69
CA GLN B 58 22.42 24.94 10.64
C GLN B 58 20.96 24.62 10.89
N LYS B 59 20.70 23.74 11.84
CA LYS B 59 19.34 23.35 12.20
C LYS B 59 18.76 24.29 13.26
N GLN B 60 19.64 24.83 14.10
CA GLN B 60 19.23 25.75 15.15
C GLN B 60 18.75 27.07 14.57
N LYS B 61 19.03 27.27 13.28
CA LYS B 61 18.66 28.50 12.60
C LYS B 61 17.16 28.55 12.29
N VAL B 62 16.55 27.37 12.18
CA VAL B 62 15.13 27.28 11.83
C VAL B 62 14.26 27.02 13.06
N GLY B 63 13.33 27.96 13.31
CA GLY B 63 12.40 27.83 14.42
C GLY B 63 11.20 26.96 14.07
N GLU B 64 10.07 27.60 13.82
CA GLU B 64 8.87 26.87 13.42
C GLU B 64 9.01 26.36 12.00
N LEU B 65 7.88 26.15 11.33
CA LEU B 65 7.88 25.70 9.95
C LEU B 65 6.72 26.29 9.16
N LYS B 66 6.95 27.48 8.61
CA LYS B 66 5.94 28.17 7.82
C LYS B 66 5.91 27.62 6.39
N ASP B 67 4.73 27.23 5.92
CA ASP B 67 4.59 26.74 4.56
C ASP B 67 4.99 27.82 3.55
N ASP B 68 4.80 29.08 3.94
CA ASP B 68 5.14 30.21 3.08
C ASP B 68 6.65 30.39 2.96
N ASP B 69 7.37 30.12 4.05
CA ASP B 69 8.82 30.24 4.07
C ASP B 69 9.47 29.38 2.99
N PHE B 70 8.82 28.25 2.68
CA PHE B 70 9.31 27.35 1.66
C PHE B 70 8.89 27.80 0.27
N GLU B 71 9.85 27.80 -0.66
CA GLU B 71 9.58 28.22 -2.03
C GLU B 71 9.83 27.06 -3.00
N LYS B 72 8.75 26.45 -3.45
CA LYS B 72 8.83 25.30 -4.36
C LYS B 72 9.82 25.57 -5.51
N ILE B 73 10.64 24.57 -5.81
CA ILE B 73 11.66 24.71 -6.84
C ILE B 73 11.48 23.67 -7.96
N SER B 74 11.97 22.47 -7.72
CA SER B 74 11.90 21.39 -8.71
C SER B 74 11.36 20.11 -8.09
N GLU B 75 10.56 19.39 -8.86
CA GLU B 75 10.03 18.10 -8.42
C GLU B 75 11.16 17.07 -8.37
N LEU B 76 11.01 16.06 -7.53
CA LEU B 76 12.02 15.01 -7.40
C LEU B 76 11.46 13.62 -7.70
N GLY B 77 10.64 13.11 -6.79
CA GLY B 77 10.09 11.78 -6.95
C GLY B 77 8.66 11.66 -6.45
N ALA B 78 8.15 10.43 -6.44
CA ALA B 78 6.77 10.16 -6.01
C ALA B 78 6.57 8.69 -5.72
N GLY B 79 5.59 8.37 -4.86
CA GLY B 79 5.29 6.99 -4.53
C GLY B 79 4.41 6.86 -3.29
N VAL B 83 5.45 12.45 -2.44
CA VAL B 83 6.14 13.30 -3.41
C VAL B 83 7.16 14.21 -2.75
N VAL B 84 8.33 14.31 -3.37
CA VAL B 84 9.42 15.12 -2.82
C VAL B 84 9.79 16.28 -3.75
N PHE B 85 10.07 17.43 -3.15
CA PHE B 85 10.47 18.61 -3.92
C PHE B 85 11.75 19.21 -3.36
N LYS B 86 12.65 19.61 -4.25
CA LYS B 86 13.89 20.26 -3.85
C LYS B 86 13.64 21.75 -3.59
N VAL B 87 12.89 22.03 -2.52
CA VAL B 87 12.52 23.41 -2.20
C VAL B 87 13.63 24.17 -1.49
N SER B 88 13.34 25.43 -1.12
CA SER B 88 14.31 26.27 -0.44
C SER B 88 13.66 27.09 0.67
N HIS B 89 14.28 27.10 1.84
CA HIS B 89 13.79 27.85 2.97
C HIS B 89 14.31 29.29 2.92
N LYS B 90 13.41 30.24 2.70
CA LYS B 90 13.80 31.64 2.55
C LYS B 90 14.48 32.24 3.79
N PRO B 91 13.82 32.13 4.96
CA PRO B 91 14.39 32.71 6.19
C PRO B 91 15.81 32.22 6.46
N SER B 92 16.00 30.92 6.56
CA SER B 92 17.31 30.34 6.80
C SER B 92 18.16 30.36 5.52
N GLY B 93 17.58 30.91 4.45
CA GLY B 93 18.27 31.01 3.17
C GLY B 93 18.97 29.71 2.81
N LEU B 94 18.21 28.62 2.81
CA LEU B 94 18.79 27.30 2.58
C LEU B 94 17.97 26.49 1.58
N VAL B 95 18.52 25.36 1.17
CA VAL B 95 17.82 24.44 0.27
C VAL B 95 17.74 23.04 0.89
N MET B 96 16.57 22.69 1.39
CA MET B 96 16.37 21.39 2.02
C MET B 96 15.35 20.55 1.23
N ALA B 97 15.48 19.23 1.29
CA ALA B 97 14.55 18.35 0.61
C ALA B 97 13.27 18.19 1.41
N ARG B 98 12.13 18.12 0.72
CA ARG B 98 10.84 18.04 1.38
C ARG B 98 9.89 17.04 0.73
N LYS B 99 9.27 16.21 1.55
CA LYS B 99 8.30 15.23 1.10
C LYS B 99 6.93 15.53 1.70
N LEU B 100 5.87 15.18 0.98
CA LEU B 100 4.50 15.38 1.45
C LEU B 100 3.50 14.59 0.63
N ILE B 101 2.52 13.99 1.30
CA ILE B 101 1.49 13.21 0.61
C ILE B 101 0.09 13.50 1.13
N HIS B 102 -0.88 13.52 0.22
CA HIS B 102 -2.27 13.78 0.54
C HIS B 102 -2.73 13.05 1.80
N LEU B 103 -3.32 13.79 2.73
CA LEU B 103 -3.85 13.23 3.96
C LEU B 103 -4.92 14.13 4.57
N GLU B 104 -6.18 13.86 4.23
CA GLU B 104 -7.29 14.64 4.75
C GLU B 104 -7.65 14.20 6.17
N ILE B 105 -6.64 14.05 7.02
CA ILE B 105 -6.87 13.69 8.41
C ILE B 105 -7.23 14.92 9.22
N LYS B 106 -8.23 14.77 10.09
CA LYS B 106 -8.69 15.88 10.92
C LYS B 106 -7.57 16.37 11.83
N PRO B 107 -7.67 17.63 12.27
CA PRO B 107 -6.65 18.25 13.14
C PRO B 107 -6.32 17.40 14.36
N ALA B 108 -7.29 16.63 14.84
CA ALA B 108 -7.10 15.80 16.02
C ALA B 108 -5.99 14.76 15.83
N ILE B 109 -5.86 14.26 14.61
CA ILE B 109 -4.92 13.20 14.30
C ILE B 109 -3.50 13.72 14.11
N ARG B 110 -3.36 14.72 13.25
CA ARG B 110 -2.06 15.26 12.90
C ARG B 110 -1.18 15.55 14.11
N ASN B 111 -1.78 16.07 15.18
CA ASN B 111 -1.04 16.43 16.38
C ASN B 111 -0.27 15.26 16.99
N GLN B 112 -0.86 14.07 16.93
CA GLN B 112 -0.19 12.88 17.44
C GLN B 112 0.87 12.40 16.46
N ILE B 113 0.55 12.45 15.18
CA ILE B 113 1.48 12.03 14.13
C ILE B 113 2.77 12.82 14.21
N ILE B 114 2.64 14.14 14.36
CA ILE B 114 3.80 15.01 14.49
C ILE B 114 4.57 14.66 15.75
N ARG B 115 3.84 14.34 16.81
CA ARG B 115 4.45 13.98 18.08
C ARG B 115 5.42 12.80 17.90
N GLU B 116 4.92 11.72 17.32
CA GLU B 116 5.75 10.54 17.06
C GLU B 116 6.82 10.88 16.04
N LEU B 117 6.46 11.74 15.09
CA LEU B 117 7.36 12.13 14.02
C LEU B 117 8.54 12.92 14.57
N GLN B 118 8.32 13.59 15.70
CA GLN B 118 9.36 14.40 16.34
C GLN B 118 10.57 13.55 16.70
N VAL B 119 10.33 12.28 17.01
CA VAL B 119 11.41 11.37 17.37
C VAL B 119 12.58 11.48 16.39
N LEU B 120 12.26 11.77 15.13
CA LEU B 120 13.27 11.89 14.08
C LEU B 120 14.45 12.77 14.48
N HIS B 121 14.20 13.69 15.41
CA HIS B 121 15.24 14.64 15.81
C HIS B 121 16.49 13.94 16.32
N GLU B 122 16.32 13.07 17.31
CA GLU B 122 17.46 12.38 17.91
C GLU B 122 18.08 11.33 16.99
N CYS B 123 17.47 11.13 15.82
CA CYS B 123 17.93 10.13 14.88
C CYS B 123 18.95 10.71 13.90
N ASN B 124 20.12 11.06 14.41
CA ASN B 124 21.16 11.66 13.59
C ASN B 124 22.40 10.78 13.50
N SER B 125 22.80 10.47 12.28
CA SER B 125 23.91 9.57 12.04
C SER B 125 24.48 9.82 10.64
N PRO B 126 25.75 9.47 10.44
CA PRO B 126 26.37 9.62 9.12
C PRO B 126 25.68 8.73 8.09
N TYR B 127 24.97 7.72 8.57
CA TYR B 127 24.33 6.75 7.69
C TYR B 127 22.82 6.92 7.68
N ILE B 128 22.36 8.11 8.09
CA ILE B 128 20.95 8.42 8.09
C ILE B 128 20.70 9.83 7.60
N VAL B 129 19.74 9.97 6.70
CA VAL B 129 19.37 11.28 6.19
C VAL B 129 18.72 12.12 7.28
N GLY B 130 19.53 12.96 7.93
CA GLY B 130 19.05 13.83 8.98
C GLY B 130 17.88 14.69 8.53
N PHE B 131 16.90 14.87 9.41
CA PHE B 131 15.71 15.63 9.06
C PHE B 131 15.64 16.93 9.86
N TYR B 132 14.67 17.77 9.55
CA TYR B 132 14.51 19.05 10.25
C TYR B 132 13.25 19.07 11.11
N GLY B 133 12.09 18.99 10.46
CA GLY B 133 10.82 19.02 11.18
C GLY B 133 9.66 18.46 10.37
N ALA B 134 8.45 18.63 10.91
CA ALA B 134 7.25 18.14 10.25
C ALA B 134 6.06 19.08 10.52
N PHE B 135 5.21 19.26 9.52
CA PHE B 135 4.08 20.18 9.63
C PHE B 135 2.95 19.84 8.67
N TYR B 136 1.79 20.44 8.90
CA TYR B 136 0.63 20.20 8.06
C TYR B 136 0.59 21.19 6.90
N SER B 137 -0.44 21.11 6.08
CA SER B 137 -0.59 22.03 4.95
C SER B 137 -2.01 22.03 4.39
N ASP B 138 -2.96 22.45 5.22
CA ASP B 138 -4.37 22.52 4.81
C ASP B 138 -4.98 21.14 4.58
N GLY B 139 -4.14 20.16 4.28
CA GLY B 139 -4.60 18.81 4.05
C GLY B 139 -3.49 17.85 3.66
N GLU B 140 -2.30 18.06 4.23
CA GLU B 140 -1.18 17.15 3.96
C GLU B 140 -0.01 17.35 4.92
N ILE B 141 0.66 16.24 5.26
CA ILE B 141 1.83 16.28 6.12
C ILE B 141 3.09 16.50 5.29
N SER B 142 3.96 17.38 5.77
CA SER B 142 5.17 17.73 5.05
C SER B 142 6.42 17.43 5.87
N ILE B 143 7.18 16.41 5.46
CA ILE B 143 8.44 16.07 6.11
C ILE B 143 9.62 16.79 5.46
N CYS B 144 10.41 17.48 6.27
CA CYS B 144 11.57 18.20 5.80
C CYS B 144 12.85 17.48 6.20
N MET B 145 13.71 17.19 5.23
CA MET B 145 14.97 16.52 5.55
C MET B 145 16.15 16.96 4.68
N GLU B 146 17.32 16.41 5.01
CA GLU B 146 18.55 16.69 4.29
C GLU B 146 18.40 16.43 2.80
N HIS B 147 19.09 17.23 1.99
CA HIS B 147 19.05 17.07 0.54
C HIS B 147 20.27 16.34 0.00
N MET B 148 20.11 15.08 -0.36
CA MET B 148 21.17 14.31 -0.98
C MET B 148 21.10 14.51 -2.49
N ASP B 149 21.94 15.41 -3.01
CA ASP B 149 21.90 15.80 -4.41
C ASP B 149 22.12 14.62 -5.38
N GLY B 150 22.71 13.55 -4.89
CA GLY B 150 23.00 12.39 -5.73
C GLY B 150 21.81 11.49 -5.97
N GLY B 151 20.74 11.72 -5.22
CA GLY B 151 19.53 10.94 -5.37
C GLY B 151 19.65 9.52 -4.82
N SER B 152 18.53 8.84 -4.68
CA SER B 152 18.51 7.48 -4.18
C SER B 152 19.21 6.56 -5.17
N LEU B 153 19.79 5.47 -4.64
CA LEU B 153 20.51 4.53 -5.48
C LEU B 153 19.64 3.99 -6.60
N ASP B 154 18.33 4.09 -6.42
CA ASP B 154 17.38 3.67 -7.44
C ASP B 154 17.61 4.47 -8.72
N GLN B 155 17.67 5.79 -8.57
CA GLN B 155 17.90 6.67 -9.69
C GLN B 155 19.28 6.43 -10.29
N VAL B 156 20.29 6.37 -9.44
CA VAL B 156 21.66 6.15 -9.87
C VAL B 156 21.78 4.85 -10.67
N LEU B 157 21.10 3.81 -10.21
CA LEU B 157 21.16 2.51 -10.88
C LEU B 157 20.56 2.57 -12.28
N LYS B 158 19.73 3.57 -12.53
CA LYS B 158 19.11 3.76 -13.84
C LYS B 158 20.07 4.46 -14.80
N LYS B 159 20.84 5.41 -14.27
CA LYS B 159 21.77 6.18 -15.09
C LYS B 159 23.17 5.57 -15.05
N ALA B 160 23.24 4.27 -14.78
CA ALA B 160 24.50 3.56 -14.73
C ALA B 160 24.36 2.13 -15.23
N GLY B 161 23.11 1.66 -15.30
CA GLY B 161 22.82 0.32 -15.76
C GLY B 161 23.14 -0.74 -14.73
N ARG B 162 24.43 -0.89 -14.44
CA ARG B 162 24.88 -1.86 -13.44
C ARG B 162 25.92 -1.22 -12.53
N ILE B 163 25.86 -1.54 -11.23
CA ILE B 163 26.73 -0.93 -10.25
C ILE B 163 27.89 -1.83 -9.85
N PRO B 164 29.13 -1.28 -9.88
CA PRO B 164 30.36 -2.00 -9.55
C PRO B 164 30.38 -2.55 -8.14
N GLU B 165 30.89 -3.77 -7.98
CA GLU B 165 30.98 -4.42 -6.67
C GLU B 165 31.77 -3.59 -5.68
N GLN B 166 32.92 -3.09 -6.14
CA GLN B 166 33.80 -2.28 -5.29
C GLN B 166 33.00 -1.24 -4.52
N ILE B 167 32.00 -0.67 -5.19
CA ILE B 167 31.16 0.36 -4.59
C ILE B 167 30.11 -0.22 -3.65
N LEU B 168 29.40 -1.24 -4.12
CA LEU B 168 28.37 -1.89 -3.34
C LEU B 168 28.88 -2.25 -1.95
N GLY B 169 30.20 -2.41 -1.84
CA GLY B 169 30.83 -2.69 -0.56
C GLY B 169 30.64 -1.54 0.40
N LYS B 170 31.07 -0.35 0.00
CA LYS B 170 30.85 0.85 0.79
C LYS B 170 29.37 0.98 1.11
N VAL B 171 28.53 0.81 0.09
CA VAL B 171 27.09 0.84 0.25
C VAL B 171 26.63 -0.14 1.33
N SER B 172 27.00 -1.42 1.16
CA SER B 172 26.66 -2.46 2.12
C SER B 172 27.07 -2.05 3.53
N ILE B 173 28.30 -1.59 3.68
CA ILE B 173 28.79 -1.12 4.95
C ILE B 173 27.88 -0.05 5.53
N ALA B 174 27.78 1.07 4.82
CA ALA B 174 26.93 2.18 5.25
C ALA B 174 25.56 1.68 5.67
N VAL B 175 24.95 0.85 4.84
CA VAL B 175 23.62 0.31 5.11
C VAL B 175 23.59 -0.44 6.43
N ILE B 176 24.53 -1.38 6.59
CA ILE B 176 24.61 -2.18 7.80
C ILE B 176 24.79 -1.32 9.05
N LYS B 177 25.71 -0.37 8.99
CA LYS B 177 25.93 0.55 10.10
C LYS B 177 24.68 1.37 10.38
N GLY B 178 24.02 1.80 9.31
CA GLY B 178 22.79 2.57 9.43
C GLY B 178 21.75 1.79 10.21
N LEU B 179 21.36 0.65 9.65
CA LEU B 179 20.40 -0.24 10.30
C LEU B 179 20.83 -0.61 11.71
N THR B 180 22.14 -0.81 11.88
CA THR B 180 22.68 -1.10 13.20
C THR B 180 22.40 0.06 14.14
N TYR B 181 22.70 1.28 13.68
CA TYR B 181 22.48 2.48 14.48
C TYR B 181 21.04 2.58 14.96
N LEU B 182 20.10 2.44 14.02
CA LEU B 182 18.68 2.49 14.36
C LEU B 182 18.34 1.54 15.50
N ARG B 183 18.53 0.25 15.26
CA ARG B 183 18.15 -0.77 16.23
C ARG B 183 18.77 -0.54 17.60
N GLU B 184 20.06 -0.24 17.62
CA GLU B 184 20.79 -0.09 18.87
C GLU B 184 20.38 1.14 19.65
N LYS B 185 20.16 2.24 18.94
CA LYS B 185 19.98 3.54 19.59
C LYS B 185 18.53 4.02 19.64
N HIS B 186 17.63 3.32 18.96
CA HIS B 186 16.23 3.71 18.93
C HIS B 186 15.28 2.52 18.91
N LYS B 187 15.83 1.31 18.94
CA LYS B 187 15.02 0.09 18.92
C LYS B 187 14.21 0.00 17.64
N ILE B 188 14.39 0.98 16.76
CA ILE B 188 13.62 1.09 15.53
C ILE B 188 14.29 0.35 14.39
N MET B 189 13.50 -0.39 13.62
CA MET B 189 14.00 -1.01 12.40
C MET B 189 13.39 -0.35 11.17
N HIS B 190 14.14 -0.36 10.09
CA HIS B 190 13.78 0.33 8.86
C HIS B 190 12.39 -0.05 8.36
N ARG B 191 12.12 -1.35 8.30
CA ARG B 191 10.81 -1.85 7.89
C ARG B 191 10.55 -1.75 6.38
N ASP B 192 11.27 -0.84 5.73
CA ASP B 192 11.12 -0.64 4.29
C ASP B 192 12.45 -0.29 3.63
N VAL B 193 13.18 -1.31 3.21
CA VAL B 193 14.50 -1.13 2.61
C VAL B 193 14.46 -1.32 1.10
N LYS B 194 14.66 -0.23 0.37
CA LYS B 194 14.68 -0.26 -1.08
C LYS B 194 15.87 0.55 -1.57
N PRO B 195 16.33 0.27 -2.80
CA PRO B 195 17.39 1.09 -3.41
C PRO B 195 16.93 2.54 -3.53
N SER B 196 15.61 2.73 -3.57
CA SER B 196 15.01 4.06 -3.69
C SER B 196 15.03 4.80 -2.36
N ASN B 197 15.57 4.15 -1.34
CA ASN B 197 15.60 4.72 0.00
C ASN B 197 17.02 4.87 0.53
N ILE B 198 18.00 4.59 -0.31
CA ILE B 198 19.39 4.78 0.06
C ILE B 198 19.95 5.99 -0.64
N LEU B 199 19.89 7.12 0.05
CA LEU B 199 20.32 8.38 -0.54
C LEU B 199 21.83 8.51 -0.53
N VAL B 200 22.37 9.11 -1.58
CA VAL B 200 23.80 9.32 -1.70
C VAL B 200 24.11 10.67 -2.34
N ASN B 201 24.80 11.52 -1.60
CA ASN B 201 25.17 12.84 -2.10
C ASN B 201 26.57 12.87 -2.69
N SER B 202 26.98 14.04 -3.17
CA SER B 202 28.27 14.20 -3.85
C SER B 202 29.46 14.05 -2.92
N ARG B 203 29.19 14.11 -1.61
CA ARG B 203 30.24 13.93 -0.61
C ARG B 203 30.74 12.49 -0.57
N GLY B 204 30.18 11.66 -1.45
CA GLY B 204 30.47 10.24 -1.40
C GLY B 204 29.81 9.64 -0.17
N GLU B 205 28.87 10.39 0.41
CA GLU B 205 28.13 9.94 1.58
C GLU B 205 27.02 8.97 1.19
N ILE B 206 26.69 8.08 2.11
CA ILE B 206 25.58 7.17 1.92
C ILE B 206 24.72 7.19 3.17
N LYS B 207 23.43 7.49 2.99
CA LYS B 207 22.51 7.57 4.12
C LYS B 207 21.19 6.90 3.76
N LEU B 208 20.46 6.45 4.78
CA LEU B 208 19.17 5.81 4.57
C LEU B 208 18.02 6.78 4.85
N CYS B 209 16.84 6.46 4.32
CA CYS B 209 15.66 7.30 4.51
C CYS B 209 14.40 6.46 4.45
N ASP B 210 13.25 7.13 4.53
CA ASP B 210 11.95 6.47 4.41
C ASP B 210 11.80 5.30 5.38
N PHE B 211 12.46 5.38 6.54
CA PHE B 211 12.33 4.33 7.54
C PHE B 211 11.21 4.64 8.53
N GLY B 212 10.34 3.65 8.74
CA GLY B 212 9.17 3.82 9.58
C GLY B 212 9.47 4.16 11.03
N VAL B 213 9.10 5.37 11.43
CA VAL B 213 9.31 5.83 12.79
C VAL B 213 7.99 6.26 13.45
N SER B 214 7.00 6.60 12.64
CA SER B 214 5.71 7.03 13.16
C SER B 214 4.66 5.92 13.13
N GLY B 215 4.41 5.33 14.30
CA GLY B 215 3.47 4.23 14.42
C GLY B 215 2.07 4.59 13.94
N GLN B 216 1.47 5.58 14.59
CA GLN B 216 0.09 5.95 14.30
C GLN B 216 -0.10 6.35 12.83
N LEU B 217 0.94 6.92 12.24
CA LEU B 217 0.88 7.34 10.85
C LEU B 217 0.66 6.15 9.91
N ILE B 218 1.37 5.06 10.16
CA ILE B 218 1.29 3.88 9.31
C ILE B 218 -0.12 3.27 9.30
N ASP B 219 -0.94 3.67 10.26
CA ASP B 219 -2.34 3.23 10.30
C ASP B 219 -3.09 3.71 9.07
N SER B 220 -3.07 5.02 8.85
CA SER B 220 -3.70 5.61 7.67
C SER B 220 -2.83 5.37 6.45
N MET B 221 -1.55 5.11 6.69
CA MET B 221 -0.59 4.89 5.61
C MET B 221 -0.53 3.43 5.17
N ALA B 222 -1.33 2.59 5.80
CA ALA B 222 -1.61 1.28 5.27
C ALA B 222 -2.59 1.51 4.13
N ASN B 223 -2.90 0.45 3.38
CA ASN B 223 -3.83 0.58 2.26
C ASN B 223 -3.25 1.50 1.19
N SER B 224 -2.21 1.02 0.50
CA SER B 224 -1.52 1.84 -0.49
C SER B 224 -0.84 1.04 -1.60
N PHE B 225 -0.09 1.75 -2.44
CA PHE B 225 0.52 1.18 -3.64
C PHE B 225 1.30 -0.11 -3.39
N VAL B 226 1.13 -1.06 -4.30
CA VAL B 226 1.84 -2.34 -4.21
C VAL B 226 2.92 -2.46 -5.28
N GLY B 227 2.50 -2.40 -6.54
CA GLY B 227 3.45 -2.43 -7.65
C GLY B 227 3.82 -3.82 -8.11
N THR B 228 4.90 -3.92 -8.89
CA THR B 228 5.28 -5.17 -9.52
C THR B 228 6.64 -5.70 -9.03
N ARG B 229 7.28 -4.95 -8.13
CA ARG B 229 8.55 -5.37 -7.57
C ARG B 229 8.48 -5.36 -6.06
N SER B 230 8.75 -6.50 -5.44
CA SER B 230 8.60 -6.64 -4.00
C SER B 230 9.94 -6.69 -3.27
N TYR B 231 9.89 -6.55 -1.95
CA TYR B 231 11.06 -6.63 -1.10
C TYR B 231 10.68 -7.27 0.23
N MET B 232 9.42 -7.67 0.33
CA MET B 232 8.95 -8.41 1.50
C MET B 232 9.78 -9.67 1.66
N SER B 233 10.39 -9.82 2.83
CA SER B 233 11.08 -11.06 3.14
C SER B 233 10.09 -12.22 3.20
N PRO B 234 10.50 -13.38 2.68
CA PRO B 234 9.70 -14.59 2.55
C PRO B 234 8.96 -14.95 3.83
N GLU B 235 9.54 -14.62 4.97
CA GLU B 235 8.89 -14.94 6.24
C GLU B 235 7.66 -14.07 6.44
N ARG B 236 7.77 -12.80 6.06
CA ARG B 236 6.66 -11.86 6.20
C ARG B 236 5.46 -12.31 5.40
N LEU B 237 5.68 -12.59 4.12
CA LEU B 237 4.59 -12.99 3.25
C LEU B 237 3.79 -14.10 3.90
N GLN B 238 4.43 -14.84 4.79
CA GLN B 238 3.79 -15.98 5.44
C GLN B 238 3.17 -15.65 6.80
N GLY B 239 3.70 -14.64 7.47
CA GLY B 239 3.13 -14.21 8.73
C GLY B 239 4.14 -13.95 9.84
N THR B 240 5.27 -14.64 9.80
CA THR B 240 6.27 -14.50 10.84
C THR B 240 6.59 -13.03 11.09
N HIS B 241 6.66 -12.65 12.35
CA HIS B 241 7.07 -11.31 12.74
C HIS B 241 8.32 -10.92 11.97
N TYR B 242 8.36 -9.69 11.47
CA TYR B 242 9.51 -9.23 10.70
C TYR B 242 10.63 -8.66 11.59
N SER B 243 11.60 -9.51 11.92
CA SER B 243 12.74 -9.08 12.71
C SER B 243 13.60 -8.11 11.92
N VAL B 244 14.65 -7.59 12.54
CA VAL B 244 15.57 -6.71 11.83
C VAL B 244 16.23 -7.48 10.69
N GLN B 245 16.09 -8.82 10.74
CA GLN B 245 16.63 -9.67 9.69
C GLN B 245 15.79 -9.56 8.42
N SER B 246 14.56 -9.07 8.58
CA SER B 246 13.69 -8.83 7.45
C SER B 246 14.31 -7.77 6.54
N ASP B 247 14.79 -6.68 7.16
CA ASP B 247 15.44 -5.62 6.43
C ASP B 247 16.72 -6.13 5.77
N ILE B 248 17.31 -7.16 6.38
CA ILE B 248 18.52 -7.77 5.85
C ILE B 248 18.24 -8.43 4.52
N TRP B 249 17.16 -9.20 4.46
CA TRP B 249 16.71 -9.81 3.22
C TRP B 249 16.53 -8.74 2.15
N SER B 250 15.82 -7.67 2.51
CA SER B 250 15.65 -6.53 1.63
C SER B 250 17.01 -6.09 1.12
N MET B 251 17.87 -5.65 2.03
CA MET B 251 19.21 -5.24 1.66
C MET B 251 19.82 -6.24 0.70
N GLY B 252 19.81 -7.50 1.09
CA GLY B 252 20.38 -8.54 0.26
C GLY B 252 19.79 -8.50 -1.14
N LEU B 253 18.47 -8.52 -1.20
CA LEU B 253 17.77 -8.52 -2.47
C LEU B 253 18.12 -7.29 -3.29
N SER B 254 18.07 -6.13 -2.63
CA SER B 254 18.39 -4.87 -3.27
C SER B 254 19.80 -4.91 -3.84
N LEU B 255 20.75 -5.38 -3.04
CA LEU B 255 22.13 -5.49 -3.48
C LEU B 255 22.24 -6.23 -4.81
N VAL B 256 21.58 -7.38 -4.89
CA VAL B 256 21.60 -8.17 -6.11
C VAL B 256 21.12 -7.33 -7.30
N GLU B 257 19.96 -6.71 -7.15
CA GLU B 257 19.42 -5.83 -8.17
C GLU B 257 20.46 -4.77 -8.57
N MET B 258 21.28 -4.35 -7.62
CA MET B 258 22.29 -3.32 -7.87
C MET B 258 23.31 -3.79 -8.89
N ALA B 259 23.82 -5.01 -8.72
CA ALA B 259 24.87 -5.54 -9.57
C ALA B 259 24.35 -5.92 -10.94
N VAL B 260 23.43 -6.87 -10.99
CA VAL B 260 22.89 -7.36 -12.26
C VAL B 260 22.13 -6.28 -13.02
N GLY B 261 21.82 -5.19 -12.34
CA GLY B 261 21.13 -4.06 -12.96
C GLY B 261 19.71 -4.37 -13.37
N ARG B 262 19.14 -5.41 -12.76
CA ARG B 262 17.77 -5.84 -13.06
C ARG B 262 17.17 -6.50 -11.82
N TYR B 263 15.90 -6.24 -11.55
CA TYR B 263 15.21 -6.88 -10.43
C TYR B 263 15.29 -8.40 -10.55
N PRO B 264 16.16 -9.01 -9.73
CA PRO B 264 16.57 -10.42 -9.78
C PRO B 264 15.46 -11.39 -10.16
N ILE B 265 14.29 -11.28 -9.54
CA ILE B 265 13.20 -12.21 -9.79
C ILE B 265 12.24 -11.71 -10.87
N PRO B 266 11.90 -12.58 -11.83
CA PRO B 266 12.46 -13.93 -11.92
C PRO B 266 13.88 -13.92 -12.45
N PRO B 267 14.72 -14.87 -12.00
CA PRO B 267 16.10 -14.96 -12.46
C PRO B 267 16.16 -15.02 -13.99
N PRO B 268 17.16 -14.35 -14.58
CA PRO B 268 17.36 -14.30 -16.03
C PRO B 268 17.25 -15.68 -16.69
N ASP B 269 16.86 -15.69 -17.96
CA ASP B 269 16.69 -16.93 -18.72
C ASP B 269 18.03 -17.62 -18.94
N ALA B 270 18.35 -17.87 -20.20
CA ALA B 270 19.62 -18.49 -20.58
C ALA B 270 20.36 -17.58 -21.55
N LYS B 271 19.59 -16.94 -22.44
CA LYS B 271 20.14 -15.97 -23.38
C LYS B 271 20.07 -14.55 -22.82
N GLU B 272 19.24 -14.36 -21.81
CA GLU B 272 19.11 -13.08 -21.14
C GLU B 272 20.42 -12.71 -20.47
N LEU B 273 20.79 -13.47 -19.44
CA LEU B 273 22.04 -13.23 -18.72
C LEU B 273 23.25 -13.39 -19.64
N GLU B 274 23.11 -14.24 -20.65
CA GLU B 274 24.17 -14.45 -21.64
C GLU B 274 24.62 -13.12 -22.24
N LEU B 275 23.66 -12.22 -22.42
CA LEU B 275 23.93 -10.94 -23.08
C LEU B 275 23.70 -9.76 -22.14
N MET B 276 24.32 -9.79 -20.97
CA MET B 276 24.17 -8.70 -20.00
C MET B 276 25.52 -8.14 -19.55
N PHE B 277 26.56 -8.96 -19.58
CA PHE B 277 27.89 -8.54 -19.16
C PHE B 277 28.53 -7.58 -20.17
N GLY B 278 29.04 -6.46 -19.67
CA GLY B 278 29.69 -5.47 -20.51
C GLY B 278 30.63 -4.60 -19.71
N CYS B 279 30.17 -3.41 -19.33
CA CYS B 279 30.94 -2.51 -18.49
C CYS B 279 30.14 -1.24 -18.16
N PRO B 309 6.45 -9.30 -17.06
CA PRO B 309 4.99 -9.24 -17.08
C PRO B 309 4.36 -10.37 -16.25
N MET B 310 4.07 -10.10 -14.98
CA MET B 310 3.56 -11.12 -14.09
C MET B 310 2.32 -10.67 -13.30
N ALA B 311 1.72 -11.61 -12.58
CA ALA B 311 0.65 -11.30 -11.64
C ALA B 311 1.28 -11.13 -10.27
N ILE B 312 0.81 -10.14 -9.51
CA ILE B 312 1.40 -9.83 -8.21
C ILE B 312 1.58 -11.07 -7.34
N PHE B 313 0.55 -11.90 -7.26
CA PHE B 313 0.62 -13.10 -6.44
C PHE B 313 1.67 -14.08 -6.92
N GLU B 314 1.83 -14.19 -8.23
CA GLU B 314 2.83 -15.11 -8.78
C GLU B 314 4.24 -14.71 -8.36
N LEU B 315 4.55 -13.42 -8.45
CA LEU B 315 5.85 -12.93 -8.02
C LEU B 315 6.08 -13.31 -6.57
N LEU B 316 5.09 -13.02 -5.74
CA LEU B 316 5.17 -13.32 -4.31
C LEU B 316 5.32 -14.82 -4.07
N ASP B 317 4.45 -15.61 -4.67
CA ASP B 317 4.49 -17.06 -4.48
C ASP B 317 5.85 -17.62 -4.85
N TYR B 318 6.48 -17.00 -5.85
CA TYR B 318 7.82 -17.41 -6.26
C TYR B 318 8.80 -17.12 -5.13
N ILE B 319 8.75 -15.89 -4.62
CA ILE B 319 9.61 -15.47 -3.53
C ILE B 319 9.56 -16.45 -2.36
N VAL B 320 8.36 -16.98 -2.11
CA VAL B 320 8.15 -17.87 -0.97
C VAL B 320 8.67 -19.29 -1.21
N ASN B 321 8.35 -19.89 -2.35
CA ASN B 321 8.70 -21.29 -2.60
C ASN B 321 9.95 -21.55 -3.42
N GLU B 322 10.19 -20.75 -4.45
CA GLU B 322 11.36 -20.95 -5.30
C GLU B 322 12.63 -20.39 -4.66
N PRO B 323 13.79 -20.96 -5.02
CA PRO B 323 15.11 -20.51 -4.56
C PRO B 323 15.38 -19.05 -4.91
N PRO B 324 16.04 -18.32 -3.99
CA PRO B 324 16.35 -16.89 -4.11
C PRO B 324 17.26 -16.59 -5.29
N PRO B 325 17.46 -15.29 -5.58
CA PRO B 325 18.38 -14.83 -6.62
C PRO B 325 19.84 -15.09 -6.26
N LYS B 326 20.67 -15.32 -7.27
CA LYS B 326 22.08 -15.56 -7.06
C LYS B 326 22.91 -14.64 -7.94
N LEU B 327 23.99 -14.12 -7.39
CA LEU B 327 24.93 -13.33 -8.18
C LEU B 327 25.65 -14.24 -9.16
N PRO B 328 25.64 -13.86 -10.45
CA PRO B 328 26.30 -14.64 -11.50
C PRO B 328 27.77 -14.89 -11.15
N SER B 329 28.14 -16.15 -11.01
CA SER B 329 29.52 -16.51 -10.68
C SER B 329 30.49 -15.98 -11.73
N ALA B 330 31.77 -16.00 -11.41
CA ALA B 330 32.82 -15.54 -12.32
C ALA B 330 32.91 -14.02 -12.36
N VAL B 331 31.79 -13.36 -12.63
CA VAL B 331 31.75 -11.92 -12.77
C VAL B 331 31.93 -11.19 -11.43
N PHE B 332 31.65 -11.89 -10.34
CA PHE B 332 31.79 -11.33 -9.00
C PHE B 332 32.65 -12.22 -8.12
N SER B 333 33.33 -11.61 -7.15
CA SER B 333 34.16 -12.35 -6.21
C SER B 333 33.29 -13.34 -5.43
N LEU B 334 33.88 -14.47 -5.06
CA LEU B 334 33.15 -15.48 -4.30
C LEU B 334 32.84 -14.95 -2.91
N GLU B 335 33.71 -14.06 -2.43
CA GLU B 335 33.52 -13.42 -1.14
C GLU B 335 32.20 -12.67 -1.12
N PHE B 336 32.00 -11.83 -2.13
CA PHE B 336 30.80 -11.01 -2.27
C PHE B 336 29.55 -11.86 -2.45
N GLN B 337 29.65 -12.85 -3.32
CA GLN B 337 28.54 -13.77 -3.54
C GLN B 337 28.04 -14.29 -2.21
N ASP B 338 28.96 -14.85 -1.42
CA ASP B 338 28.62 -15.36 -0.10
C ASP B 338 27.87 -14.30 0.71
N PHE B 339 28.26 -13.05 0.55
CA PHE B 339 27.61 -11.99 1.30
C PHE B 339 26.12 -11.99 1.00
N VAL B 340 25.75 -11.61 -0.22
CA VAL B 340 24.34 -11.54 -0.58
C VAL B 340 23.63 -12.84 -0.22
N ASN B 341 24.32 -13.96 -0.43
CA ASN B 341 23.78 -15.27 -0.10
C ASN B 341 23.37 -15.36 1.37
N LYS B 342 24.20 -14.79 2.23
CA LYS B 342 23.95 -14.81 3.67
C LYS B 342 22.75 -13.94 4.05
N CYS B 343 22.35 -13.05 3.15
CA CYS B 343 21.21 -12.18 3.39
C CYS B 343 19.93 -12.80 2.88
N LEU B 344 20.04 -13.54 1.78
CA LEU B 344 18.88 -14.10 1.12
C LEU B 344 18.56 -15.51 1.58
N ILE B 345 19.01 -15.86 2.77
CA ILE B 345 18.64 -17.15 3.36
C ILE B 345 17.17 -17.07 3.73
N LYS B 346 16.34 -17.87 3.08
CA LYS B 346 14.90 -17.72 3.22
C LYS B 346 14.37 -17.92 4.64
N ASN B 347 15.11 -18.64 5.46
CA ASN B 347 14.71 -18.86 6.85
C ASN B 347 15.29 -17.78 7.77
N PRO B 348 14.42 -17.05 8.47
CA PRO B 348 14.83 -15.95 9.34
C PRO B 348 15.95 -16.34 10.28
N ALA B 349 15.70 -17.31 11.16
CA ALA B 349 16.68 -17.73 12.15
C ALA B 349 18.02 -18.09 11.52
N GLU B 350 17.97 -18.89 10.46
CA GLU B 350 19.18 -19.34 9.79
C GLU B 350 19.87 -18.21 9.05
N ARG B 351 19.17 -17.10 8.83
CA ARG B 351 19.74 -15.96 8.10
C ARG B 351 20.75 -15.21 8.96
N ALA B 352 21.68 -14.51 8.30
CA ALA B 352 22.73 -13.79 9.00
C ALA B 352 22.17 -12.62 9.80
N ASP B 353 22.72 -12.38 10.98
CA ASP B 353 22.35 -11.21 11.76
C ASP B 353 23.30 -10.05 11.44
N LEU B 354 22.97 -8.86 11.93
CA LEU B 354 23.77 -7.68 11.61
C LEU B 354 25.20 -7.81 12.14
N LYS B 355 25.46 -8.85 12.90
CA LYS B 355 26.81 -9.13 13.36
C LYS B 355 27.60 -9.90 12.30
N GLN B 356 27.17 -11.14 12.03
CA GLN B 356 27.85 -11.97 11.03
C GLN B 356 28.25 -11.15 9.82
N LEU B 357 27.33 -10.29 9.37
CA LEU B 357 27.54 -9.49 8.17
C LEU B 357 28.62 -8.44 8.40
N MET B 358 28.55 -7.77 9.55
CA MET B 358 29.50 -6.71 9.89
C MET B 358 30.93 -7.20 9.88
N VAL B 359 31.10 -8.50 10.09
CA VAL B 359 32.43 -9.12 10.16
C VAL B 359 32.63 -10.17 9.08
N HIS B 360 31.80 -10.12 8.04
CA HIS B 360 31.88 -11.07 6.94
C HIS B 360 33.06 -10.75 6.03
N ALA B 361 33.68 -11.80 5.49
CA ALA B 361 34.85 -11.65 4.62
C ALA B 361 34.70 -10.49 3.65
N PHE B 362 33.53 -10.38 3.03
CA PHE B 362 33.28 -9.32 2.06
C PHE B 362 33.33 -7.94 2.69
N ILE B 363 32.57 -7.76 3.77
CA ILE B 363 32.54 -6.49 4.46
C ILE B 363 33.92 -6.07 4.93
N LYS B 364 34.68 -7.02 5.47
CA LYS B 364 36.03 -6.74 5.93
C LYS B 364 36.89 -6.17 4.81
N ARG B 365 36.78 -6.76 3.62
CA ARG B 365 37.57 -6.32 2.48
C ARG B 365 37.23 -4.90 2.06
N SER B 366 35.99 -4.70 1.65
CA SER B 366 35.55 -3.42 1.10
C SER B 366 35.80 -2.25 2.06
N ASP B 367 35.88 -2.53 3.34
CA ASP B 367 36.08 -1.48 4.33
C ASP B 367 37.48 -0.88 4.21
N ALA B 368 38.40 -1.67 3.68
CA ALA B 368 39.78 -1.22 3.51
C ALA B 368 40.05 -0.90 2.04
N GLU B 369 39.10 -1.26 1.19
CA GLU B 369 39.26 -1.09 -0.25
C GLU B 369 39.18 0.39 -0.65
N GLU B 370 40.32 0.97 -1.00
CA GLU B 370 40.39 2.37 -1.39
C GLU B 370 39.56 2.64 -2.63
N VAL B 371 38.44 3.34 -2.45
CA VAL B 371 37.53 3.63 -3.55
C VAL B 371 37.21 5.11 -3.66
N ASP B 372 37.49 5.69 -4.83
CA ASP B 372 37.15 7.08 -5.11
C ASP B 372 35.65 7.20 -5.36
N PHE B 373 34.86 6.91 -4.32
CA PHE B 373 33.41 6.90 -4.43
C PHE B 373 32.86 8.13 -5.14
N ALA B 374 32.84 9.25 -4.43
CA ALA B 374 32.35 10.51 -4.99
C ALA B 374 32.99 10.79 -6.34
N GLY B 375 34.23 10.31 -6.51
CA GLY B 375 34.95 10.51 -7.76
C GLY B 375 34.20 9.92 -8.95
N TRP B 376 34.21 8.60 -9.05
CA TRP B 376 33.49 7.92 -10.12
C TRP B 376 31.99 8.24 -10.06
N LEU B 377 31.51 8.51 -8.86
CA LEU B 377 30.12 8.93 -8.67
C LEU B 377 29.76 10.02 -9.67
N CYS B 378 30.45 11.15 -9.57
CA CYS B 378 30.19 12.29 -10.44
C CYS B 378 30.76 12.06 -11.83
N SER B 379 31.21 10.84 -12.09
CA SER B 379 31.72 10.45 -13.40
C SER B 379 30.73 9.53 -14.11
N THR B 380 29.53 9.44 -13.55
CA THR B 380 28.48 8.63 -14.15
C THR B 380 27.19 9.44 -14.25
N ILE B 381 26.87 10.16 -13.18
CA ILE B 381 25.70 11.03 -13.17
C ILE B 381 26.14 12.47 -13.27
N GLY B 382 27.45 12.70 -13.27
CA GLY B 382 28.00 14.04 -13.37
C GLY B 382 27.81 14.84 -12.09
N LEU B 383 27.64 16.15 -12.25
CA LEU B 383 27.46 17.06 -11.12
C LEU B 383 28.63 16.97 -10.15
PG ATP C . -14.72 3.11 -0.62
O1G ATP C . -14.27 4.31 0.18
O2G ATP C . -14.00 1.83 -0.31
O3G ATP C . -14.86 3.37 -2.11
PB ATP C . -17.11 4.06 0.45
O1B ATP C . -18.56 3.65 0.55
O2B ATP C . -16.42 4.61 1.67
O3B ATP C . -16.24 2.84 -0.12
PA ATP C . -18.08 5.95 -1.49
O1A ATP C . -17.53 6.39 -2.83
O2A ATP C . -19.37 5.16 -1.40
O3A ATP C . -16.92 5.09 -0.78
O5' ATP C . -18.22 7.24 -0.55
C5' ATP C . -17.86 7.14 0.83
C4' ATP C . -18.82 7.95 1.68
O4' ATP C . -19.95 8.34 0.92
C3' ATP C . -19.29 7.11 2.86
O3' ATP C . -18.84 7.69 4.09
C2' ATP C . -20.81 7.14 2.78
O2' ATP C . -21.37 7.55 4.03
C1' ATP C . -21.15 8.12 1.67
N9 ATP C . -22.15 7.49 0.79
C8 ATP C . -21.89 6.95 -0.40
N7 ATP C . -23.01 6.45 -0.97
C5 ATP C . -24.04 6.67 -0.13
C6 ATP C . -25.49 6.40 -0.12
N6 ATP C . -26.09 5.77 -1.16
N1 ATP C . -26.20 6.80 0.96
C2 ATP C . -25.61 7.43 2.00
N3 ATP C . -24.29 7.70 2.06
C4 ATP C . -23.46 7.37 1.04
MG MG D . -18.78 2.71 -1.98
PG ATP E . 8.47 4.70 -0.73
O1G ATP E . 8.21 6.13 -0.34
O2G ATP E . 7.26 3.80 -0.68
O3G ATP E . 9.73 4.11 -0.12
PB ATP E . 9.98 5.77 -2.83
O1B ATP E . 10.98 5.99 -1.71
O2B ATP E . 10.44 5.27 -4.17
O3B ATP E . 8.81 4.80 -2.30
PA ATP E . 9.51 8.55 -2.47
O1A ATP E . 8.27 9.41 -2.54
O2A ATP E . 10.19 8.35 -1.13
O3A ATP E . 9.13 7.11 -3.08
O5' ATP E . 10.58 9.15 -3.52
C5' ATP E . 11.66 8.34 -4.00
C4' ATP E . 12.58 9.20 -4.83
O4' ATP E . 12.65 10.52 -4.28
C3' ATP E . 13.99 8.64 -4.86
O3' ATP E . 14.36 8.30 -6.20
C2' ATP E . 14.88 9.72 -4.29
O2' ATP E . 15.97 10.00 -5.16
C1' ATP E . 14.00 10.94 -4.14
N9 ATP E . 14.19 11.50 -2.78
C8 ATP E . 13.37 11.25 -1.74
N7 ATP E . 13.80 11.89 -0.63
C5 ATP E . 14.92 12.56 -0.96
C6 ATP E . 15.88 13.43 -0.24
N6 ATP E . 15.71 13.72 1.07
N1 ATP E . 16.93 13.92 -0.95
C2 ATP E . 17.10 13.64 -2.25
N3 ATP E . 16.26 12.85 -2.96
C4 ATP E . 15.18 12.29 -2.38
MG MG F . 13.06 7.70 -0.84
CL CL G . 20.90 -16.40 14.51
#